data_6N2I
#
_entry.id   6N2I
#
_cell.length_a   88.600
_cell.length_b   88.600
_cell.length_c   67.740
_cell.angle_alpha   90.00
_cell.angle_beta   90.00
_cell.angle_gamma   120.00
#
_symmetry.space_group_name_H-M   'P 65'
#
loop_
_entity.id
_entity.type
_entity.pdbx_description
1 polymer 'DNA-binding ATP-dependent protease La'
2 non-polymer "ADENOSINE-5'-DIPHOSPHATE"
#
_entity_poly.entity_id   1
_entity_poly.type   'polypeptide(L)'
_entity_poly.pdbx_seq_one_letter_code
;LGEMDDAPDENEALKRKIDAAKMPKEAKEKAEAELQKLKMMSPMSAEATVVRGYIDWMVQVPWNARSKVKKDLRQAQEIL
DTDHYGLERVKDRILEYLAVQSRVNKIKGPILCLVGPPGVGKTSLGQSIAKATGRKYVRMALGGVRDEAEIRGHRRTYIG
SMPGKLIQKMAKVGVKNPLFLLDEIDKMSSDMRGDPASALLEVLDPEQNVAFSDHYLEVDYDLSDVMFVATSNSMNIPAP
LLDRMEVIRLSGYTEDEKLNIAKRHLLPKQIERNALKKGELTVDDSAIIGIIRYYTREAGVRGLEREISKLCRKAVKQLL
LDKSLKHIEINGDNLHDYLGVQRF
;
_entity_poly.pdbx_strand_id   A
#
loop_
_chem_comp.id
_chem_comp.type
_chem_comp.name
_chem_comp.formula
ADP non-polymer ADENOSINE-5'-DIPHOSPHATE 'C10 H15 N5 O10 P2'
#
# COMPACT_ATOMS: atom_id res chain seq x y z
N ALA A 7 14.17 -4.06 -38.41
CA ALA A 7 13.59 -4.89 -39.46
C ALA A 7 12.54 -5.89 -38.96
N PRO A 8 12.81 -6.62 -37.84
CA PRO A 8 11.77 -7.53 -37.32
C PRO A 8 10.56 -6.80 -36.78
N ASP A 9 9.61 -7.55 -36.20
CA ASP A 9 8.39 -6.94 -35.69
C ASP A 9 8.62 -6.35 -34.30
N GLU A 10 8.92 -7.20 -33.32
CA GLU A 10 9.13 -6.73 -31.96
C GLU A 10 10.41 -5.91 -31.85
N ASN A 11 11.43 -6.23 -32.65
CA ASN A 11 12.65 -5.43 -32.65
C ASN A 11 12.43 -4.03 -33.21
N GLU A 12 11.38 -3.83 -34.00
CA GLU A 12 11.03 -2.51 -34.48
C GLU A 12 9.95 -1.88 -33.61
N ALA A 13 9.17 -2.69 -32.91
CA ALA A 13 8.08 -2.18 -32.10
C ALA A 13 8.59 -1.85 -30.71
N LEU A 14 9.87 -1.48 -30.62
CA LEU A 14 10.40 -0.99 -29.36
C LEU A 14 10.22 0.51 -29.23
N LYS A 15 10.45 1.25 -30.32
CA LYS A 15 10.27 2.70 -30.33
C LYS A 15 8.80 3.09 -30.32
N ARG A 16 7.88 2.14 -30.50
CA ARG A 16 6.46 2.44 -30.46
C ARG A 16 5.98 2.89 -29.09
N LYS A 17 6.82 2.76 -28.05
CA LYS A 17 6.46 3.21 -26.71
C LYS A 17 7.62 3.88 -25.99
N ILE A 18 8.73 4.16 -26.68
CA ILE A 18 9.82 4.90 -26.07
C ILE A 18 9.55 6.40 -26.12
N ASP A 19 9.25 6.92 -27.31
CA ASP A 19 8.90 8.32 -27.47
C ASP A 19 7.41 8.57 -27.54
N ALA A 20 6.62 7.56 -27.96
CA ALA A 20 5.17 7.69 -27.89
C ALA A 20 4.71 7.88 -26.46
N ALA A 21 5.08 6.97 -25.58
CA ALA A 21 4.96 7.23 -24.15
C ALA A 21 6.01 8.24 -23.73
N LYS A 22 5.67 9.04 -22.72
CA LYS A 22 6.56 10.11 -22.27
C LYS A 22 7.89 9.54 -21.79
N MET A 23 8.91 10.41 -21.77
CA MET A 23 10.24 10.01 -21.35
C MET A 23 11.05 11.27 -21.05
N PRO A 24 11.84 11.29 -19.97
CA PRO A 24 12.65 12.47 -19.67
C PRO A 24 13.77 12.71 -20.68
N LYS A 25 14.74 13.55 -20.32
CA LYS A 25 15.84 13.87 -21.22
C LYS A 25 17.02 12.92 -21.02
N GLU A 26 17.50 12.76 -19.79
CA GLU A 26 18.64 11.90 -19.52
C GLU A 26 18.34 10.43 -19.76
N ALA A 27 17.06 10.05 -19.79
CA ALA A 27 16.65 8.68 -20.05
C ALA A 27 16.16 8.46 -21.48
N LYS A 28 16.05 9.52 -22.27
CA LYS A 28 15.56 9.40 -23.65
C LYS A 28 16.60 8.71 -24.52
N GLU A 29 17.67 9.41 -24.86
CA GLU A 29 18.70 8.83 -25.71
C GLU A 29 19.48 7.73 -25.00
N LYS A 30 19.50 7.74 -23.66
CA LYS A 30 20.14 6.66 -22.93
C LYS A 30 19.41 5.34 -23.14
N ALA A 31 18.09 5.39 -23.28
CA ALA A 31 17.34 4.17 -23.61
C ALA A 31 17.73 3.67 -24.99
N GLU A 32 17.88 4.58 -25.96
CA GLU A 32 18.38 4.19 -27.27
C GLU A 32 19.87 3.90 -27.24
N ALA A 33 20.61 4.50 -26.31
CA ALA A 33 22.00 4.10 -26.11
C ALA A 33 22.10 2.66 -25.64
N GLU A 34 21.11 2.20 -24.87
CA GLU A 34 21.01 0.77 -24.55
C GLU A 34 20.56 -0.03 -25.76
N LEU A 35 19.77 0.59 -26.65
CA LEU A 35 19.40 -0.05 -27.90
C LEU A 35 20.59 -0.15 -28.85
N GLN A 36 21.64 0.64 -28.64
CA GLN A 36 22.84 0.53 -29.46
C GLN A 36 23.48 -0.84 -29.32
N LYS A 37 23.42 -1.43 -28.13
CA LYS A 37 23.91 -2.78 -27.93
C LYS A 37 23.05 -3.82 -28.66
N LEU A 38 21.86 -3.44 -29.12
CA LEU A 38 21.05 -4.34 -29.93
C LEU A 38 21.23 -4.01 -31.41
N LYS A 39 20.19 -4.29 -32.21
CA LYS A 39 20.23 -4.15 -33.67
C LYS A 39 21.23 -5.12 -34.31
N MET A 40 22.22 -5.54 -33.53
CA MET A 40 23.09 -6.65 -33.91
C MET A 40 22.40 -7.95 -33.53
N MET A 41 21.97 -8.72 -34.53
CA MET A 41 21.26 -9.98 -34.35
C MET A 41 19.93 -9.76 -33.62
N SER A 42 19.26 -10.85 -33.28
CA SER A 42 17.99 -10.83 -32.58
C SER A 42 17.73 -12.14 -31.83
N PRO A 43 17.95 -13.32 -32.45
CA PRO A 43 17.89 -14.56 -31.69
C PRO A 43 19.11 -14.79 -30.80
N MET A 44 20.07 -13.88 -30.82
CA MET A 44 21.23 -14.01 -29.94
C MET A 44 20.79 -13.98 -28.49
N SER A 45 21.58 -14.56 -27.62
CA SER A 45 21.23 -14.68 -26.22
C SER A 45 22.01 -13.66 -25.41
N ALA A 46 21.98 -13.79 -24.09
CA ALA A 46 22.60 -12.82 -23.19
C ALA A 46 22.11 -11.40 -23.47
N GLU A 47 22.91 -10.62 -24.19
CA GLU A 47 22.62 -9.20 -24.37
C GLU A 47 21.30 -9.00 -25.12
N ALA A 48 21.09 -9.73 -26.22
CA ALA A 48 19.89 -9.56 -27.01
C ALA A 48 18.62 -9.99 -26.27
N THR A 49 18.76 -10.71 -25.15
CA THR A 49 17.62 -11.09 -24.33
C THR A 49 17.50 -10.28 -23.05
N VAL A 50 18.58 -9.65 -22.60
CA VAL A 50 18.54 -8.83 -21.39
C VAL A 50 18.11 -7.40 -21.71
N VAL A 51 18.58 -6.85 -22.83
CA VAL A 51 18.21 -5.49 -23.20
C VAL A 51 16.73 -5.41 -23.53
N ARG A 52 16.22 -6.39 -24.28
CA ARG A 52 14.79 -6.41 -24.59
C ARG A 52 13.95 -6.44 -23.32
N GLY A 53 14.40 -7.20 -22.32
CA GLY A 53 13.74 -7.14 -21.02
C GLY A 53 14.02 -5.83 -20.31
N TYR A 54 15.22 -5.29 -20.48
CA TYR A 54 15.56 -4.01 -19.87
C TYR A 54 14.77 -2.86 -20.52
N ILE A 55 14.62 -2.91 -21.84
CA ILE A 55 13.80 -1.90 -22.52
C ILE A 55 12.34 -2.05 -22.12
N ASP A 56 11.88 -3.29 -21.92
CA ASP A 56 10.51 -3.51 -21.45
C ASP A 56 10.29 -2.91 -20.08
N TRP A 57 11.27 -3.08 -19.18
CA TRP A 57 11.18 -2.45 -17.86
C TRP A 57 11.38 -0.94 -17.93
N MET A 58 11.92 -0.43 -19.03
CA MET A 58 12.08 1.00 -19.23
C MET A 58 10.80 1.68 -19.71
N VAL A 59 9.81 0.92 -20.17
CA VAL A 59 8.57 1.48 -20.68
C VAL A 59 7.47 1.45 -19.63
N GLN A 60 7.33 0.34 -18.90
CA GLN A 60 6.26 0.23 -17.91
C GLN A 60 6.47 1.13 -16.70
N VAL A 61 7.62 1.79 -16.58
CA VAL A 61 7.87 2.71 -15.48
C VAL A 61 7.32 4.08 -15.87
N PRO A 62 6.55 4.73 -14.99
CA PRO A 62 5.90 5.99 -15.38
C PRO A 62 6.75 7.22 -15.13
N TRP A 63 6.79 8.12 -16.11
CA TRP A 63 7.39 9.43 -15.94
C TRP A 63 6.66 10.41 -16.86
N ASN A 64 6.56 11.66 -16.39
CA ASN A 64 5.77 12.69 -17.08
C ASN A 64 4.32 12.26 -17.26
N ALA A 65 3.82 11.44 -16.33
CA ALA A 65 2.44 10.98 -16.37
C ALA A 65 1.96 10.83 -14.94
N ARG A 66 0.90 11.57 -14.59
CA ARG A 66 0.43 11.60 -13.21
C ARG A 66 -1.09 11.77 -13.22
N SER A 67 -1.67 11.57 -12.04
CA SER A 67 -3.10 11.81 -11.81
C SER A 67 -3.27 13.17 -11.14
N LYS A 68 -4.35 13.86 -11.50
CA LYS A 68 -4.58 15.22 -11.02
C LYS A 68 -5.02 15.20 -9.56
N VAL A 69 -4.21 15.80 -8.70
CA VAL A 69 -4.53 15.93 -7.29
C VAL A 69 -5.26 17.24 -7.08
N LYS A 70 -6.36 17.20 -6.33
CA LYS A 70 -7.14 18.40 -6.10
C LYS A 70 -6.50 19.26 -5.02
N LYS A 71 -7.05 20.46 -4.86
CA LYS A 71 -6.63 21.40 -3.83
C LYS A 71 -7.68 21.56 -2.73
N ASP A 72 -8.84 20.94 -2.88
CA ASP A 72 -9.90 21.04 -1.87
C ASP A 72 -9.43 20.43 -0.55
N LEU A 73 -10.13 20.78 0.53
CA LEU A 73 -9.77 20.32 1.86
C LEU A 73 -10.90 19.60 2.56
N ARG A 74 -12.12 20.16 2.54
CA ARG A 74 -13.23 19.50 3.23
C ARG A 74 -13.59 18.18 2.59
N GLN A 75 -13.33 18.03 1.28
CA GLN A 75 -13.58 16.74 0.63
C GLN A 75 -12.72 15.64 1.24
N ALA A 76 -11.57 16.00 1.80
CA ALA A 76 -10.78 15.03 2.55
C ALA A 76 -11.38 14.80 3.93
N GLN A 77 -11.78 15.89 4.61
CA GLN A 77 -12.53 15.75 5.85
C GLN A 77 -13.82 14.99 5.63
N GLU A 78 -14.42 15.12 4.45
CA GLU A 78 -15.66 14.42 4.14
C GLU A 78 -15.45 12.90 4.04
N ILE A 79 -14.23 12.45 3.78
CA ILE A 79 -13.95 11.02 3.72
C ILE A 79 -13.15 10.52 4.90
N LEU A 80 -12.42 11.39 5.61
CA LEU A 80 -11.76 10.95 6.83
C LEU A 80 -12.76 10.57 7.91
N ASP A 81 -14.01 11.00 7.78
CA ASP A 81 -15.11 10.51 8.58
C ASP A 81 -15.89 9.40 7.89
N THR A 82 -15.57 9.10 6.62
CA THR A 82 -16.24 8.05 5.87
C THR A 82 -15.55 6.70 6.06
N ASP A 83 -14.23 6.64 5.86
CA ASP A 83 -13.49 5.40 6.06
C ASP A 83 -13.49 4.96 7.51
N HIS A 84 -13.86 5.84 8.44
CA HIS A 84 -14.05 5.48 9.84
C HIS A 84 -15.05 6.40 10.50
N TYR A 85 -14.56 7.52 11.06
CA TYR A 85 -15.38 8.45 11.81
C TYR A 85 -14.53 9.66 12.18
N GLY A 86 -13.28 9.41 12.55
CA GLY A 86 -12.37 10.47 12.95
C GLY A 86 -11.30 9.98 13.89
N LEU A 87 -11.55 8.85 14.56
CA LEU A 87 -10.61 8.28 15.53
C LEU A 87 -10.32 9.28 16.66
N GLU A 88 -11.39 9.83 17.22
CA GLU A 88 -11.31 10.93 18.18
C GLU A 88 -10.57 12.10 17.56
N ARG A 89 -9.30 12.28 17.91
CA ARG A 89 -8.46 13.25 17.22
C ARG A 89 -7.71 12.56 16.09
N VAL A 90 -6.50 13.02 15.78
CA VAL A 90 -5.66 12.46 14.71
C VAL A 90 -6.30 12.69 13.34
N LYS A 91 -7.64 12.71 13.29
CA LYS A 91 -8.34 13.10 12.07
C LYS A 91 -7.86 14.44 11.56
N ASP A 92 -7.65 15.40 12.47
CA ASP A 92 -7.17 16.71 12.07
C ASP A 92 -5.75 16.64 11.52
N ARG A 93 -4.90 15.85 12.19
CA ARG A 93 -3.52 15.69 11.74
C ARG A 93 -3.49 15.38 10.26
N ILE A 94 -4.13 14.28 9.87
CA ILE A 94 -4.18 13.88 8.46
C ILE A 94 -4.63 15.04 7.59
N LEU A 95 -5.61 15.81 8.08
CA LEU A 95 -6.01 17.02 7.38
C LEU A 95 -4.92 18.09 7.45
N GLU A 96 -4.32 18.27 8.64
CA GLU A 96 -3.26 19.26 8.78
C GLU A 96 -2.10 18.96 7.86
N TYR A 97 -1.80 17.67 7.65
CA TYR A 97 -0.74 17.30 6.73
C TYR A 97 -1.12 17.61 5.28
N LEU A 98 -2.38 17.39 4.93
CA LEU A 98 -2.84 17.63 3.56
C LEU A 98 -3.12 19.10 3.27
N ALA A 99 -3.21 19.94 4.30
CA ALA A 99 -3.45 21.35 4.06
C ALA A 99 -2.20 22.04 3.51
N VAL A 100 -1.03 21.65 4.01
CA VAL A 100 0.22 22.24 3.54
C VAL A 100 0.70 21.62 2.23
N GLN A 101 0.27 20.40 1.93
CA GLN A 101 0.62 19.74 0.68
C GLN A 101 -0.26 20.17 -0.48
N SER A 102 -1.23 21.05 -0.24
CA SER A 102 -2.12 21.55 -1.28
C SER A 102 -1.50 22.68 -2.09
N ARG A 103 -0.20 22.93 -1.95
CA ARG A 103 0.46 24.02 -2.64
C ARG A 103 1.62 23.45 -3.46
N VAL A 104 2.86 23.81 -3.14
CA VAL A 104 3.99 23.39 -3.95
C VAL A 104 4.08 21.86 -3.98
N ASN A 105 4.43 21.33 -5.15
CA ASN A 105 4.39 19.89 -5.35
C ASN A 105 5.46 19.14 -4.54
N LYS A 106 6.59 19.77 -4.24
CA LYS A 106 7.62 19.10 -3.46
C LYS A 106 7.05 18.83 -2.07
N ILE A 107 6.76 17.54 -1.81
CA ILE A 107 6.08 17.14 -0.58
C ILE A 107 6.89 17.60 0.62
N LYS A 108 8.17 17.23 0.66
CA LYS A 108 9.14 17.82 1.56
C LYS A 108 8.95 17.48 3.04
N GLY A 109 7.73 17.55 3.54
CA GLY A 109 7.47 17.41 4.95
C GLY A 109 7.80 16.05 5.54
N PRO A 110 7.82 15.97 6.86
CA PRO A 110 7.95 14.68 7.54
C PRO A 110 6.95 13.67 6.99
N ILE A 111 7.44 12.47 6.69
CA ILE A 111 6.73 11.52 5.84
C ILE A 111 5.34 11.19 6.37
N LEU A 112 5.16 11.22 7.70
CA LEU A 112 4.03 10.69 8.46
C LEU A 112 4.27 9.23 8.84
N CYS A 113 4.08 8.91 10.11
CA CYS A 113 4.31 7.55 10.62
C CYS A 113 3.12 7.15 11.48
N LEU A 114 2.43 6.08 11.07
CA LEU A 114 1.27 5.57 11.79
C LEU A 114 1.72 4.37 12.61
N VAL A 115 1.98 4.58 13.90
CA VAL A 115 2.42 3.53 14.79
C VAL A 115 1.28 3.16 15.74
N GLY A 116 1.35 1.93 16.25
CA GLY A 116 0.35 1.42 17.16
C GLY A 116 0.34 -0.09 17.19
N PRO A 117 -0.50 -0.67 18.05
CA PRO A 117 -0.58 -2.12 18.11
C PRO A 117 -1.19 -2.68 16.85
N PRO A 118 -0.86 -3.92 16.48
CA PRO A 118 -1.41 -4.52 15.25
C PRO A 118 -2.91 -4.71 15.38
N GLY A 119 -3.66 -4.10 14.45
CA GLY A 119 -5.10 -4.13 14.49
C GLY A 119 -5.72 -2.76 14.29
N VAL A 120 -5.04 -1.74 14.79
CA VAL A 120 -5.50 -0.37 14.62
C VAL A 120 -5.41 0.01 13.15
N GLY A 121 -6.38 0.81 12.68
CA GLY A 121 -6.44 1.21 11.29
C GLY A 121 -5.22 1.97 10.82
N LYS A 122 -4.18 1.24 10.41
CA LYS A 122 -2.96 1.84 9.85
C LYS A 122 -2.99 1.83 8.32
N THR A 123 -3.06 0.64 7.73
CA THR A 123 -3.17 0.55 6.27
C THR A 123 -4.49 1.15 5.78
N SER A 124 -5.56 0.99 6.56
CA SER A 124 -6.85 1.55 6.17
C SER A 124 -6.80 3.06 6.12
N LEU A 125 -6.08 3.70 7.05
CA LEU A 125 -5.91 5.14 6.99
C LEU A 125 -5.09 5.53 5.76
N GLY A 126 -4.10 4.73 5.39
CA GLY A 126 -3.35 4.97 4.17
C GLY A 126 -4.18 4.85 2.92
N GLN A 127 -5.28 4.08 2.96
CA GLN A 127 -6.15 3.98 1.80
C GLN A 127 -6.96 5.26 1.60
N SER A 128 -7.34 5.92 2.70
CA SER A 128 -8.18 7.11 2.60
C SER A 128 -7.40 8.33 2.17
N ILE A 129 -6.14 8.46 2.61
CA ILE A 129 -5.34 9.61 2.22
C ILE A 129 -5.13 9.64 0.71
N ALA A 130 -5.01 8.45 0.10
CA ALA A 130 -4.93 8.38 -1.36
C ALA A 130 -6.27 8.74 -1.99
N LYS A 131 -7.37 8.27 -1.39
CA LYS A 131 -8.69 8.61 -1.90
C LYS A 131 -9.01 10.09 -1.69
N ALA A 132 -8.41 10.72 -0.69
CA ALA A 132 -8.68 12.12 -0.40
C ALA A 132 -8.09 13.03 -1.47
N THR A 133 -6.84 12.81 -1.83
CA THR A 133 -6.13 13.64 -2.79
C THR A 133 -6.26 13.15 -4.23
N GLY A 134 -7.22 12.28 -4.51
CA GLY A 134 -7.33 11.70 -5.84
C GLY A 134 -6.10 10.95 -6.27
N ARG A 135 -5.31 10.47 -5.32
CA ARG A 135 -4.03 9.84 -5.59
C ARG A 135 -4.17 8.33 -5.62
N LYS A 136 -3.46 7.69 -6.53
CA LYS A 136 -3.50 6.24 -6.64
C LYS A 136 -2.70 5.60 -5.50
N TYR A 137 -3.07 4.37 -5.16
CA TYR A 137 -2.56 3.69 -3.98
C TYR A 137 -1.78 2.44 -4.38
N VAL A 138 -0.71 2.17 -3.64
CA VAL A 138 0.05 0.93 -3.76
C VAL A 138 0.72 0.66 -2.42
N ARG A 139 0.92 -0.61 -2.12
CA ARG A 139 1.45 -1.03 -0.82
C ARG A 139 2.69 -1.89 -1.02
N MET A 140 3.67 -1.69 -0.15
CA MET A 140 4.91 -2.48 -0.15
C MET A 140 5.22 -2.86 1.30
N ALA A 141 5.05 -4.13 1.63
CA ALA A 141 5.32 -4.58 2.99
C ALA A 141 6.82 -4.67 3.23
N LEU A 142 7.27 -4.06 4.33
CA LEU A 142 8.68 -4.06 4.71
C LEU A 142 9.04 -5.20 5.66
N GLY A 143 8.39 -6.35 5.52
CA GLY A 143 8.72 -7.53 6.31
C GLY A 143 9.48 -8.53 5.47
N GLY A 144 10.54 -9.09 6.06
CA GLY A 144 11.40 -10.00 5.35
C GLY A 144 12.53 -9.33 4.58
N VAL A 145 12.49 -8.01 4.43
CA VAL A 145 13.57 -7.29 3.76
C VAL A 145 14.76 -7.24 4.71
N ARG A 146 15.91 -7.78 4.25
CA ARG A 146 17.09 -7.86 5.09
C ARG A 146 18.35 -7.37 4.39
N ASP A 147 18.21 -6.75 3.21
CA ASP A 147 19.36 -6.27 2.46
C ASP A 147 18.94 -5.04 1.66
N GLU A 148 19.89 -4.49 0.91
CA GLU A 148 19.65 -3.33 0.06
C GLU A 148 19.21 -3.71 -1.34
N ALA A 149 19.16 -5.00 -1.68
CA ALA A 149 18.77 -5.45 -3.00
C ALA A 149 17.27 -5.41 -3.22
N GLU A 150 16.50 -4.88 -2.26
CA GLU A 150 15.05 -4.78 -2.38
C GLU A 150 14.59 -3.38 -2.79
N ILE A 151 15.01 -2.36 -2.03
CA ILE A 151 14.68 -0.98 -2.39
C ILE A 151 15.38 -0.59 -3.68
N ARG A 152 16.70 -0.75 -3.72
CA ARG A 152 17.47 -0.59 -4.95
C ARG A 152 17.71 -1.99 -5.54
N GLY A 153 17.31 -2.17 -6.79
CA GLY A 153 17.40 -3.48 -7.41
C GLY A 153 18.83 -3.95 -7.58
N HIS A 154 18.96 -5.12 -8.19
CA HIS A 154 20.26 -5.67 -8.53
C HIS A 154 20.83 -4.95 -9.74
N ARG A 155 22.00 -5.39 -10.18
CA ARG A 155 22.61 -4.84 -11.38
C ARG A 155 21.84 -5.32 -12.60
N ARG A 156 22.38 -5.03 -13.76
CA ARG A 156 21.81 -5.50 -15.01
C ARG A 156 22.64 -6.69 -15.48
N THR A 157 22.52 -7.79 -14.73
CA THR A 157 23.32 -8.99 -14.93
C THR A 157 22.76 -9.85 -16.06
N TYR A 158 22.57 -11.15 -15.80
CA TYR A 158 21.79 -11.97 -16.72
C TYR A 158 20.33 -11.93 -16.29
N ILE A 159 19.60 -13.01 -16.57
CA ILE A 159 18.18 -13.00 -16.25
C ILE A 159 17.96 -13.04 -14.74
N GLY A 160 16.80 -12.54 -14.32
CA GLY A 160 16.42 -12.53 -12.92
C GLY A 160 16.55 -11.15 -12.30
N SER A 161 17.72 -10.54 -12.44
CA SER A 161 18.01 -9.25 -11.83
C SER A 161 17.00 -8.18 -12.20
N MET A 162 15.89 -8.12 -11.45
CA MET A 162 14.85 -7.14 -11.66
C MET A 162 15.09 -5.91 -10.79
N PRO A 163 14.52 -4.75 -11.14
CA PRO A 163 14.83 -3.52 -10.40
C PRO A 163 14.29 -3.53 -8.97
N GLY A 164 14.39 -2.38 -8.31
CA GLY A 164 13.95 -2.29 -6.94
C GLY A 164 12.47 -2.58 -6.78
N LYS A 165 12.08 -2.93 -5.55
CA LYS A 165 10.69 -3.24 -5.27
C LYS A 165 9.79 -2.05 -5.57
N LEU A 166 10.25 -0.82 -5.25
CA LEU A 166 9.46 0.36 -5.57
C LEU A 166 9.38 0.59 -7.07
N ILE A 167 10.42 0.22 -7.81
CA ILE A 167 10.37 0.34 -9.27
C ILE A 167 9.31 -0.60 -9.83
N GLN A 168 9.19 -1.80 -9.25
CA GLN A 168 8.17 -2.73 -9.69
C GLN A 168 6.78 -2.27 -9.29
N LYS A 169 6.66 -1.55 -8.18
CA LYS A 169 5.36 -1.01 -7.78
C LYS A 169 4.93 0.14 -8.68
N MET A 170 5.89 0.94 -9.17
CA MET A 170 5.54 1.98 -10.12
C MET A 170 5.11 1.38 -11.46
N ALA A 171 5.58 0.17 -11.77
CA ALA A 171 5.13 -0.50 -13.00
C ALA A 171 3.63 -0.80 -12.95
N LYS A 172 3.11 -1.11 -11.76
CA LYS A 172 1.68 -1.32 -11.62
C LYS A 172 0.92 0.01 -11.66
N VAL A 173 1.20 0.88 -10.70
CA VAL A 173 0.57 2.19 -10.62
C VAL A 173 1.32 3.13 -11.55
N GLY A 174 0.79 3.33 -12.76
CA GLY A 174 1.48 4.10 -13.77
C GLY A 174 1.34 5.60 -13.65
N VAL A 175 1.59 6.15 -12.46
CA VAL A 175 1.59 7.58 -12.23
C VAL A 175 2.85 7.96 -11.47
N LYS A 176 3.25 9.22 -11.62
CA LYS A 176 4.39 9.73 -10.87
C LYS A 176 4.04 10.13 -9.45
N ASN A 177 2.75 10.26 -9.13
CA ASN A 177 2.29 10.64 -7.80
C ASN A 177 1.34 9.59 -7.24
N PRO A 178 1.87 8.42 -6.84
CA PRO A 178 1.04 7.47 -6.09
C PRO A 178 1.22 7.62 -4.60
N LEU A 179 0.37 6.99 -3.80
CA LEU A 179 0.53 6.98 -2.35
C LEU A 179 1.24 5.68 -1.97
N PHE A 180 2.55 5.78 -1.75
CA PHE A 180 3.38 4.62 -1.43
C PHE A 180 3.32 4.36 0.07
N LEU A 181 2.78 3.21 0.46
CA LEU A 181 2.70 2.81 1.85
C LEU A 181 3.87 1.89 2.19
N LEU A 182 4.55 2.19 3.28
CA LEU A 182 5.66 1.38 3.79
C LEU A 182 5.14 0.64 5.02
N ASP A 183 4.51 -0.51 4.79
CA ASP A 183 3.83 -1.23 5.85
C ASP A 183 4.83 -1.94 6.74
N GLU A 184 4.72 -1.71 8.05
CA GLU A 184 5.58 -2.33 9.06
C GLU A 184 7.05 -2.11 8.77
N ILE A 185 7.55 -0.89 9.02
CA ILE A 185 8.97 -0.60 8.87
C ILE A 185 9.80 -1.12 10.04
N ASP A 186 9.15 -1.60 11.10
CA ASP A 186 9.88 -2.19 12.22
C ASP A 186 10.55 -3.49 11.81
N LYS A 187 9.83 -4.35 11.07
CA LYS A 187 10.34 -5.65 10.66
C LYS A 187 11.46 -5.56 9.62
N MET A 188 11.78 -4.36 9.13
CA MET A 188 12.84 -4.18 8.15
C MET A 188 14.19 -4.48 8.79
N SER A 189 14.74 -5.65 8.48
CA SER A 189 16.03 -6.04 9.02
C SER A 189 17.16 -5.39 8.23
N SER A 190 18.33 -5.27 8.89
CA SER A 190 19.51 -4.64 8.29
C SER A 190 20.73 -5.47 8.70
N ASP A 191 20.98 -6.55 7.95
CA ASP A 191 22.07 -7.46 8.28
C ASP A 191 22.89 -7.86 7.06
N MET A 192 22.22 -8.17 5.96
CA MET A 192 22.90 -8.71 4.79
C MET A 192 23.71 -7.65 4.06
N ARG A 193 23.14 -7.03 3.03
CA ARG A 193 23.85 -6.06 2.21
C ARG A 193 23.73 -4.68 2.86
N GLY A 194 24.62 -4.40 3.79
CA GLY A 194 24.62 -3.13 4.50
C GLY A 194 23.38 -2.93 5.33
N ASP A 195 22.56 -1.94 4.95
CA ASP A 195 21.32 -1.67 5.63
C ASP A 195 20.36 -1.04 4.63
N PRO A 196 19.15 -1.58 4.48
CA PRO A 196 18.18 -0.96 3.56
C PRO A 196 17.76 0.43 3.98
N ALA A 197 18.03 0.83 5.23
CA ALA A 197 17.71 2.19 5.66
C ALA A 197 18.48 3.23 4.86
N SER A 198 19.72 2.92 4.48
CA SER A 198 20.50 3.85 3.64
C SER A 198 19.83 4.04 2.30
N ALA A 199 19.40 2.94 1.67
CA ALA A 199 18.64 3.06 0.42
C ALA A 199 17.25 3.64 0.67
N LEU A 200 16.70 3.44 1.86
CA LEU A 200 15.41 4.02 2.21
C LEU A 200 15.51 5.51 2.53
N LEU A 201 16.72 6.03 2.72
CA LEU A 201 16.87 7.47 2.96
C LEU A 201 16.71 8.24 1.66
N GLU A 202 17.38 7.81 0.59
CA GLU A 202 17.38 8.55 -0.66
C GLU A 202 16.03 8.52 -1.37
N VAL A 203 15.09 7.71 -0.91
CA VAL A 203 13.77 7.67 -1.54
C VAL A 203 12.79 8.66 -0.90
N LEU A 204 12.97 8.98 0.39
CA LEU A 204 12.10 9.92 1.08
C LEU A 204 12.78 11.23 1.45
N ASP A 205 14.10 11.29 1.47
CA ASP A 205 14.79 12.53 1.81
C ASP A 205 14.58 13.54 0.69
N PRO A 206 14.15 14.77 1.00
CA PRO A 206 13.81 15.72 -0.07
C PRO A 206 15.01 16.17 -0.89
N GLU A 207 16.24 16.03 -0.38
CA GLU A 207 17.40 16.50 -1.12
C GLU A 207 17.77 15.55 -2.25
N GLN A 208 17.60 14.24 -2.05
CA GLN A 208 18.02 13.25 -3.02
C GLN A 208 16.89 12.34 -3.50
N ASN A 209 15.63 12.69 -3.21
CA ASN A 209 14.52 11.91 -3.76
C ASN A 209 14.37 12.14 -5.26
N VAL A 210 14.75 13.33 -5.74
CA VAL A 210 14.71 13.61 -7.17
C VAL A 210 15.83 12.89 -7.91
N ALA A 211 16.90 12.51 -7.22
CA ALA A 211 18.04 11.81 -7.81
C ALA A 211 18.14 10.37 -7.32
N PHE A 212 17.02 9.68 -7.22
CA PHE A 212 17.02 8.29 -6.80
C PHE A 212 17.53 7.41 -7.93
N SER A 213 18.64 6.72 -7.70
CA SER A 213 19.29 5.88 -8.70
C SER A 213 19.12 4.42 -8.33
N ASP A 214 18.57 3.63 -9.25
CA ASP A 214 18.44 2.20 -9.09
C ASP A 214 19.60 1.50 -9.80
N HIS A 215 20.02 0.35 -9.25
CA HIS A 215 21.15 -0.36 -9.83
C HIS A 215 20.79 -0.98 -11.19
N TYR A 216 19.59 -1.55 -11.29
CA TYR A 216 19.14 -2.12 -12.56
C TYR A 216 18.82 -1.00 -13.54
N LEU A 217 17.71 -0.29 -13.31
CA LEU A 217 17.38 0.90 -14.09
C LEU A 217 18.48 1.93 -13.92
N GLU A 218 19.43 1.94 -14.87
CA GLU A 218 20.67 2.69 -14.69
C GLU A 218 20.39 4.15 -14.35
N VAL A 219 19.59 4.82 -15.17
CA VAL A 219 19.38 6.25 -14.98
C VAL A 219 18.57 6.51 -13.73
N ASP A 220 18.63 7.74 -13.24
CA ASP A 220 17.91 8.13 -12.04
C ASP A 220 16.39 8.14 -12.26
N TYR A 221 15.65 8.30 -11.17
CA TYR A 221 14.19 8.32 -11.23
C TYR A 221 13.62 9.26 -10.17
N ASP A 222 13.10 10.39 -10.62
CA ASP A 222 12.51 11.38 -9.72
C ASP A 222 11.39 10.79 -8.87
N LEU A 223 11.35 11.18 -7.60
CA LEU A 223 10.32 10.70 -6.68
C LEU A 223 9.84 11.79 -5.74
N SER A 224 10.08 13.06 -6.07
CA SER A 224 9.62 14.17 -5.25
C SER A 224 8.13 14.39 -5.35
N ASP A 225 7.43 13.68 -6.24
CA ASP A 225 6.00 13.81 -6.41
C ASP A 225 5.21 12.71 -5.72
N VAL A 226 5.89 11.74 -5.13
CA VAL A 226 5.25 10.62 -4.44
C VAL A 226 5.03 10.99 -2.99
N MET A 227 3.84 10.68 -2.48
CA MET A 227 3.49 10.90 -1.08
C MET A 227 3.65 9.59 -0.33
N PHE A 228 4.70 9.49 0.47
CA PHE A 228 5.00 8.26 1.19
C PHE A 228 4.33 8.25 2.56
N VAL A 229 3.88 7.07 2.97
CA VAL A 229 3.28 6.86 4.29
C VAL A 229 3.91 5.60 4.87
N ALA A 230 4.78 5.77 5.87
CA ALA A 230 5.50 4.66 6.48
C ALA A 230 4.84 4.33 7.81
N THR A 231 4.08 3.24 7.84
CA THR A 231 3.39 2.80 9.04
C THR A 231 4.09 1.57 9.62
N SER A 232 3.98 1.42 10.95
CA SER A 232 4.59 0.28 11.61
C SER A 232 3.87 0.06 12.94
N ASN A 233 4.57 -0.50 13.93
CA ASN A 233 3.97 -0.79 15.22
C ASN A 233 4.81 -0.24 16.37
N SER A 234 6.01 -0.77 16.56
CA SER A 234 6.87 -0.39 17.67
C SER A 234 7.70 0.82 17.27
N MET A 235 8.83 1.04 17.95
CA MET A 235 9.71 2.17 17.69
C MET A 235 11.07 1.75 17.16
N ASN A 236 11.32 0.44 17.01
CA ASN A 236 12.61 -0.06 16.55
C ASN A 236 12.79 0.30 15.07
N ILE A 237 13.12 1.56 14.83
CA ILE A 237 13.38 2.06 13.49
C ILE A 237 14.73 2.77 13.49
N PRO A 238 15.46 2.76 12.39
CA PRO A 238 16.76 3.48 12.36
C PRO A 238 16.59 4.95 12.63
N ALA A 239 17.54 5.51 13.38
CA ALA A 239 17.49 6.92 13.73
C ALA A 239 17.46 7.86 12.51
N PRO A 240 18.24 7.65 11.46
CA PRO A 240 18.10 8.53 10.28
C PRO A 240 16.75 8.45 9.62
N LEU A 241 15.97 7.40 9.89
CA LEU A 241 14.63 7.31 9.33
C LEU A 241 13.61 8.04 10.21
N LEU A 242 13.71 7.88 11.52
CA LEU A 242 12.81 8.61 12.41
C LEU A 242 12.99 10.11 12.25
N ASP A 243 14.23 10.55 12.03
CA ASP A 243 14.48 11.95 11.69
C ASP A 243 13.80 12.27 10.37
N ARG A 244 13.13 13.42 10.32
CA ARG A 244 12.35 13.85 9.15
C ARG A 244 11.22 12.86 8.85
N MET A 245 10.51 12.48 9.91
CA MET A 245 9.31 11.66 9.77
C MET A 245 8.33 12.05 10.89
N GLU A 246 7.08 12.25 10.53
CA GLU A 246 6.06 12.75 11.45
C GLU A 246 5.47 11.57 12.22
N VAL A 247 5.73 11.52 13.52
CA VAL A 247 5.27 10.42 14.36
C VAL A 247 3.81 10.68 14.75
N ILE A 248 2.93 9.73 14.41
CA ILE A 248 1.51 9.79 14.77
C ILE A 248 1.19 8.52 15.54
N ARG A 249 0.85 8.68 16.81
CA ARG A 249 0.57 7.54 17.68
C ARG A 249 -0.92 7.37 17.87
N LEU A 250 -1.39 6.12 17.76
CA LEU A 250 -2.80 5.81 17.90
C LEU A 250 -2.91 4.36 18.37
N SER A 251 -3.50 4.15 19.55
CA SER A 251 -3.48 2.82 20.15
C SER A 251 -4.78 2.49 20.87
N GLY A 252 -5.36 3.47 21.57
CA GLY A 252 -6.52 3.19 22.39
C GLY A 252 -7.74 2.84 21.56
N TYR A 253 -8.45 1.79 22.00
CA TYR A 253 -9.69 1.36 21.36
C TYR A 253 -10.61 0.79 22.44
N THR A 254 -11.76 1.42 22.64
CA THR A 254 -12.72 0.98 23.63
C THR A 254 -13.68 -0.04 23.00
N GLU A 255 -14.63 -0.52 23.81
CA GLU A 255 -15.64 -1.44 23.28
C GLU A 255 -16.59 -0.74 22.34
N ASP A 256 -17.03 0.47 22.70
CA ASP A 256 -17.97 1.21 21.85
C ASP A 256 -17.32 1.64 20.55
N GLU A 257 -16.01 1.92 20.57
CA GLU A 257 -15.30 2.24 19.33
C GLU A 257 -15.19 1.03 18.44
N LYS A 258 -14.90 -0.14 19.02
CA LYS A 258 -14.84 -1.37 18.24
C LYS A 258 -16.21 -1.71 17.66
N LEU A 259 -17.27 -1.40 18.41
CA LEU A 259 -18.62 -1.66 17.93
C LEU A 259 -18.96 -0.79 16.72
N ASN A 260 -18.55 0.49 16.75
CA ASN A 260 -18.84 1.38 15.64
C ASN A 260 -18.06 0.97 14.39
N ILE A 261 -16.80 0.59 14.55
CA ILE A 261 -16.00 0.15 13.42
C ILE A 261 -16.60 -1.10 12.78
N ALA A 262 -17.10 -2.02 13.62
CA ALA A 262 -17.69 -3.24 13.09
C ALA A 262 -19.00 -2.96 12.36
N LYS A 263 -19.79 -2.02 12.88
CA LYS A 263 -21.10 -1.75 12.29
C LYS A 263 -21.00 -0.97 10.98
N ARG A 264 -19.98 -0.12 10.82
CA ARG A 264 -19.85 0.70 9.63
C ARG A 264 -18.94 0.09 8.57
N HIS A 265 -18.01 -0.78 8.94
CA HIS A 265 -16.99 -1.23 8.00
C HIS A 265 -16.79 -2.74 8.00
N LEU A 266 -16.52 -3.31 9.17
CA LEU A 266 -16.15 -4.72 9.23
C LEU A 266 -17.32 -5.62 8.84
N LEU A 267 -18.54 -5.31 9.31
CA LEU A 267 -19.68 -6.15 8.96
C LEU A 267 -20.10 -5.97 7.50
N PRO A 268 -20.24 -4.77 6.96
CA PRO A 268 -20.57 -4.66 5.52
C PRO A 268 -19.52 -5.25 4.61
N LYS A 269 -18.25 -5.22 5.02
CA LYS A 269 -17.19 -5.75 4.18
C LYS A 269 -17.26 -7.27 4.08
N GLN A 270 -17.41 -7.95 5.22
CA GLN A 270 -17.40 -9.41 5.22
C GLN A 270 -18.71 -9.99 4.72
N ILE A 271 -19.82 -9.27 4.88
CA ILE A 271 -21.09 -9.71 4.31
C ILE A 271 -20.99 -9.78 2.79
N GLU A 272 -20.32 -8.79 2.19
CA GLU A 272 -20.18 -8.76 0.74
C GLU A 272 -19.20 -9.82 0.25
N ARG A 273 -18.04 -9.94 0.91
CA ARG A 273 -17.03 -10.89 0.47
C ARG A 273 -17.55 -12.32 0.56
N ASN A 274 -18.34 -12.63 1.57
CA ASN A 274 -18.86 -13.98 1.75
C ASN A 274 -20.14 -14.24 0.97
N ALA A 275 -20.37 -13.47 -0.11
CA ALA A 275 -21.46 -13.71 -1.05
C ALA A 275 -22.82 -13.68 -0.35
N LEU A 276 -22.99 -12.72 0.55
CA LEU A 276 -24.26 -12.50 1.23
C LEU A 276 -24.88 -11.20 0.75
N LYS A 277 -26.19 -11.23 0.51
CA LYS A 277 -26.89 -10.03 0.07
C LYS A 277 -27.26 -9.17 1.27
N LYS A 278 -27.98 -8.08 1.02
CA LYS A 278 -28.13 -7.04 2.02
C LYS A 278 -28.94 -7.52 3.22
N GLY A 279 -30.05 -8.22 2.99
CA GLY A 279 -30.88 -8.65 4.08
C GLY A 279 -30.75 -10.13 4.43
N GLU A 280 -29.69 -10.77 3.94
CA GLU A 280 -29.51 -12.20 4.16
C GLU A 280 -28.94 -12.53 5.52
N LEU A 281 -28.26 -11.59 6.17
CA LEU A 281 -27.64 -11.84 7.47
C LEU A 281 -27.77 -10.62 8.35
N THR A 282 -28.32 -10.80 9.55
CA THR A 282 -28.46 -9.75 10.54
C THR A 282 -27.63 -10.11 11.76
N VAL A 283 -26.72 -9.22 12.16
CA VAL A 283 -25.86 -9.40 13.32
C VAL A 283 -26.05 -8.17 14.18
N ASP A 284 -26.80 -8.30 15.26
CA ASP A 284 -27.13 -7.16 16.12
C ASP A 284 -25.89 -6.82 16.97
N ASP A 285 -26.06 -5.85 17.88
CA ASP A 285 -24.92 -5.31 18.61
C ASP A 285 -24.39 -6.27 19.66
N SER A 286 -25.25 -7.12 20.24
CA SER A 286 -24.79 -8.05 21.25
C SER A 286 -23.83 -9.08 20.67
N ALA A 287 -24.12 -9.56 19.46
CA ALA A 287 -23.23 -10.52 18.82
C ALA A 287 -21.87 -9.89 18.50
N ILE A 288 -21.87 -8.60 18.17
CA ILE A 288 -20.60 -7.90 17.97
C ILE A 288 -19.86 -7.75 19.29
N ILE A 289 -20.57 -7.41 20.36
CA ILE A 289 -19.95 -7.30 21.67
C ILE A 289 -19.49 -8.67 22.15
N GLY A 290 -20.27 -9.72 21.88
CA GLY A 290 -19.87 -11.06 22.26
C GLY A 290 -18.60 -11.52 21.59
N ILE A 291 -18.39 -11.09 20.33
CA ILE A 291 -17.13 -11.40 19.65
C ILE A 291 -15.98 -10.68 20.33
N ILE A 292 -16.20 -9.44 20.75
CA ILE A 292 -15.13 -8.65 21.35
C ILE A 292 -14.69 -9.27 22.68
N ARG A 293 -15.64 -9.67 23.52
CA ARG A 293 -15.30 -10.05 24.88
C ARG A 293 -14.88 -11.50 25.05
N TYR A 294 -15.26 -12.39 24.15
CA TYR A 294 -15.01 -13.81 24.33
C TYR A 294 -14.29 -14.49 23.18
N TYR A 295 -14.11 -13.81 22.03
CA TYR A 295 -13.42 -14.41 20.90
C TYR A 295 -12.23 -13.59 20.40
N THR A 296 -12.02 -12.35 20.88
CA THR A 296 -10.92 -11.52 20.40
C THR A 296 -10.38 -10.68 21.56
N ARG A 297 -9.09 -10.82 21.84
CA ARG A 297 -8.45 -9.98 22.83
C ARG A 297 -7.45 -9.21 22.00
N GLU A 298 -7.51 -7.88 22.04
CA GLU A 298 -6.62 -7.11 21.21
C GLU A 298 -6.89 -5.63 21.40
N ALA A 299 -5.87 -4.82 21.13
CA ALA A 299 -6.07 -3.38 21.14
C ALA A 299 -6.68 -2.90 19.83
N GLY A 300 -6.43 -3.58 18.70
CA GLY A 300 -6.90 -3.11 17.40
C GLY A 300 -8.28 -3.63 17.04
N VAL A 301 -8.49 -4.13 15.81
CA VAL A 301 -9.76 -4.75 15.47
C VAL A 301 -9.52 -5.88 14.48
N ARG A 302 -8.30 -6.42 14.46
CA ARG A 302 -7.97 -7.44 13.47
C ARG A 302 -8.66 -8.76 13.77
N GLY A 303 -8.52 -9.26 15.01
CA GLY A 303 -9.22 -10.46 15.37
C GLY A 303 -10.72 -10.26 15.49
N LEU A 304 -11.15 -9.02 15.71
CA LEU A 304 -12.57 -8.70 15.58
C LEU A 304 -13.02 -8.92 14.15
N GLU A 305 -12.20 -8.52 13.17
CA GLU A 305 -12.54 -8.76 11.77
C GLU A 305 -12.34 -10.22 11.40
N ARG A 306 -11.43 -10.92 12.08
CA ARG A 306 -11.20 -12.34 11.77
C ARG A 306 -12.37 -13.21 12.17
N GLU A 307 -13.11 -12.79 13.20
CA GLU A 307 -14.27 -13.54 13.67
C GLU A 307 -15.48 -13.23 12.80
N ILE A 308 -15.53 -12.06 12.22
CA ILE A 308 -16.65 -11.80 11.38
C ILE A 308 -16.43 -12.46 10.05
N SER A 309 -15.19 -12.74 9.69
CA SER A 309 -14.99 -13.32 8.39
C SER A 309 -15.37 -14.75 8.43
N LYS A 310 -15.40 -15.29 9.62
CA LYS A 310 -15.84 -16.65 9.91
C LYS A 310 -17.33 -16.66 10.20
N LEU A 311 -17.80 -15.59 10.84
CA LEU A 311 -19.22 -15.48 11.18
C LEU A 311 -20.07 -15.40 9.92
N CYS A 312 -19.71 -14.50 9.02
CA CYS A 312 -20.35 -14.46 7.71
C CYS A 312 -20.03 -15.71 6.88
N ARG A 313 -18.92 -16.40 7.18
CA ARG A 313 -18.61 -17.62 6.45
C ARG A 313 -19.65 -18.69 6.73
N LYS A 314 -19.93 -18.94 8.00
CA LYS A 314 -20.88 -19.99 8.34
C LYS A 314 -22.29 -19.64 7.89
N ALA A 315 -22.60 -18.34 7.80
CA ALA A 315 -23.93 -17.92 7.38
C ALA A 315 -24.21 -18.32 5.93
N VAL A 316 -23.25 -18.08 5.03
CA VAL A 316 -23.42 -18.51 3.65
C VAL A 316 -23.35 -20.01 3.52
N LYS A 317 -22.72 -20.70 4.48
CA LYS A 317 -22.73 -22.15 4.50
C LYS A 317 -24.12 -22.68 4.86
N GLN A 318 -24.75 -22.09 5.88
CA GLN A 318 -26.06 -22.54 6.32
C GLN A 318 -27.13 -22.29 5.26
N LEU A 319 -27.01 -21.19 4.52
CA LEU A 319 -27.98 -20.90 3.46
C LEU A 319 -27.80 -21.84 2.28
N LEU A 320 -26.57 -22.31 2.04
CA LEU A 320 -26.32 -23.22 0.92
C LEU A 320 -26.68 -24.66 1.25
N LEU A 321 -26.59 -25.05 2.52
CA LEU A 321 -26.97 -26.38 2.95
C LEU A 321 -28.45 -26.48 3.33
N ASP A 322 -29.20 -25.39 3.16
CA ASP A 322 -30.62 -25.38 3.52
C ASP A 322 -31.25 -24.18 2.80
N LYS A 323 -31.68 -24.41 1.57
CA LYS A 323 -32.27 -23.33 0.77
C LYS A 323 -33.58 -22.82 1.38
N SER A 324 -34.20 -23.60 2.27
CA SER A 324 -35.40 -23.15 2.95
C SER A 324 -35.16 -21.96 3.87
N LEU A 325 -33.90 -21.57 4.06
CA LEU A 325 -33.55 -20.39 4.86
C LEU A 325 -33.38 -19.20 3.93
N LYS A 326 -34.11 -18.12 4.22
CA LYS A 326 -33.97 -16.86 3.50
C LYS A 326 -33.14 -15.84 4.26
N HIS A 327 -32.91 -16.07 5.55
CA HIS A 327 -32.32 -15.05 6.41
C HIS A 327 -31.86 -15.65 7.74
N ILE A 328 -30.61 -15.39 8.11
CA ILE A 328 -30.02 -15.91 9.34
C ILE A 328 -29.79 -14.74 10.30
N GLU A 329 -30.16 -14.94 11.55
CA GLU A 329 -30.03 -13.90 12.57
C GLU A 329 -29.13 -14.41 13.69
N ILE A 330 -28.14 -13.60 14.06
CA ILE A 330 -27.13 -13.95 15.04
C ILE A 330 -27.14 -12.89 16.13
N ASN A 331 -27.24 -13.32 17.38
CA ASN A 331 -27.22 -12.42 18.52
C ASN A 331 -26.26 -12.96 19.57
N GLY A 332 -26.26 -12.35 20.75
CA GLY A 332 -25.37 -12.79 21.81
C GLY A 332 -25.68 -14.16 22.38
N ASP A 333 -26.87 -14.70 22.08
CA ASP A 333 -27.26 -16.00 22.63
C ASP A 333 -26.81 -17.16 21.75
N ASN A 334 -26.90 -17.01 20.42
CA ASN A 334 -26.55 -18.07 19.49
C ASN A 334 -25.23 -17.80 18.77
N LEU A 335 -24.40 -16.90 19.30
CA LEU A 335 -23.11 -16.61 18.67
C LEU A 335 -22.18 -17.81 18.75
N HIS A 336 -22.24 -18.57 19.84
CA HIS A 336 -21.35 -19.72 20.00
C HIS A 336 -21.70 -20.87 19.06
N ASP A 337 -22.92 -20.90 18.51
CA ASP A 337 -23.28 -21.93 17.55
C ASP A 337 -22.52 -21.78 16.24
N TYR A 338 -22.03 -20.58 15.93
CA TYR A 338 -21.31 -20.31 14.69
C TYR A 338 -19.80 -20.21 14.90
N LEU A 339 -19.37 -19.44 15.90
CA LEU A 339 -17.95 -19.30 16.19
C LEU A 339 -17.41 -20.43 17.07
N GLY A 340 -18.20 -21.48 17.29
CA GLY A 340 -17.76 -22.54 18.17
C GLY A 340 -17.71 -22.08 19.62
N VAL A 341 -16.88 -22.76 20.41
CA VAL A 341 -16.74 -22.40 21.81
C VAL A 341 -15.97 -21.09 21.93
N GLN A 342 -16.20 -20.40 23.04
CA GLN A 342 -15.53 -19.12 23.25
C GLN A 342 -14.08 -19.34 23.68
N ARG A 343 -13.23 -18.38 23.31
CA ARG A 343 -11.78 -18.49 23.51
C ARG A 343 -11.30 -17.83 24.79
N PHE A 344 -11.87 -16.68 25.16
CA PHE A 344 -11.40 -15.92 26.32
C PHE A 344 -12.54 -15.58 27.27
PB ADP B . -2.69 -3.41 10.66
O1B ADP B . -2.00 -3.73 9.36
O2B ADP B . -2.39 -4.41 11.77
O3B ADP B . -2.58 -1.97 11.09
PA ADP B . -4.97 -2.75 9.20
O1A ADP B . -4.26 -3.04 7.90
O2A ADP B . -5.09 -1.32 9.69
O3A ADP B . -4.25 -3.61 10.35
O5' ADP B . -6.44 -3.38 9.10
C5' ADP B . -7.09 -3.36 7.83
C4' ADP B . -8.60 -3.47 7.99
O4' ADP B . -9.02 -3.14 9.32
C3' ADP B . -9.30 -2.50 7.04
O3' ADP B . -10.04 -3.22 6.05
C2' ADP B . -10.24 -1.68 7.90
O2' ADP B . -11.58 -1.77 7.39
C1' ADP B . -10.17 -2.29 9.29
N9 ADP B . -10.02 -1.23 10.32
C8 ADP B . -9.07 -1.23 11.27
N7 ADP B . -9.20 -0.14 12.07
C5 ADP B . -10.24 0.58 11.62
C6 ADP B . -10.91 1.85 12.01
N6 ADP B . -10.47 2.58 13.06
N1 ADP B . -11.97 2.24 11.27
C2 ADP B . -12.41 1.52 10.22
N3 ADP B . -11.86 0.37 9.82
C4 ADP B . -10.78 -0.15 10.47
#